data_4X36
#
_entry.id   4X36
#
_cell.length_a   101.282
_cell.length_b   101.282
_cell.length_c   119.577
_cell.angle_alpha   90.00
_cell.angle_beta   90.00
_cell.angle_gamma   90.00
#
_symmetry.space_group_name_H-M   'P 43 21 2'
#
loop_
_entity.id
_entity.type
_entity.pdbx_description
1 polymer Autolysin
2 non-polymer GLYCEROL
3 non-polymer 'ZINC ION'
4 non-polymer 'CHOLINE ION'
5 water water
#
_entity_poly.entity_id   1
_entity_poly.type   'polypeptide(L)'
_entity_poly.pdbx_seq_one_letter_code
;(MSE)EINVSKLRTDLPQVGVQPYRQVHAHSTGNPHSTVQNEADYHWRKDPELGFFSHIVGNGCI(MSE)QVGPVDNGAW
DVGGGWNAETYAAVELIESHSTKEEF(MSE)TDYRLYIELLRNLADEAGLPKTLDTGSLAGIKTHEYCTNNQPNNHSDHV
DPYPYLAKWGISREQFKHDIENGLTIETGWQKNDTGYWYVHSDGSYPKDKFEKINGTWYYFDSSGY(MSE)LADRWRKHT
DGNWYWFDNSGE(MSE)ATGWKKIADKWYYFNEEGA(MSE)KTGWVKYKDTWYYLDAKEGA(MSE)VSNAFIQSADGTGW
YYLKPDGTLADKPEFTVEPDGLITVK
;
_entity_poly.pdbx_strand_id   A
#
# COMPACT_ATOMS: atom_id res chain seq x y z
N GLU A 2 6.95 8.64 21.09
CA GLU A 2 7.54 7.61 21.95
C GLU A 2 9.00 7.48 21.58
N ILE A 3 9.88 7.65 22.56
CA ILE A 3 11.32 7.52 22.34
C ILE A 3 11.91 6.54 23.34
N ASN A 4 12.63 5.56 22.82
CA ASN A 4 13.33 4.58 23.62
C ASN A 4 14.72 5.12 23.93
N VAL A 5 15.02 5.31 25.21
CA VAL A 5 16.32 5.86 25.61
C VAL A 5 17.22 4.82 26.31
N SER A 6 16.88 3.54 26.16
CA SER A 6 17.63 2.48 26.81
C SER A 6 19.11 2.41 26.36
N LYS A 7 19.39 2.88 25.14
CA LYS A 7 20.78 2.87 24.65
C LYS A 7 21.33 4.26 24.42
N LEU A 8 20.87 5.22 25.21
CA LEU A 8 21.30 6.60 25.02
C LEU A 8 22.65 6.80 25.70
N ARG A 9 23.70 7.02 24.92
CA ARG A 9 25.02 7.18 25.48
C ARG A 9 25.17 8.53 26.13
N THR A 10 25.64 8.53 27.38
CA THR A 10 25.83 9.76 28.14
C THR A 10 27.31 10.13 28.23
N ASP A 11 28.17 9.41 27.53
CA ASP A 11 29.62 9.61 27.63
C ASP A 11 30.23 10.27 26.41
N LEU A 12 29.40 10.81 25.52
CA LEU A 12 29.88 11.36 24.26
C LEU A 12 30.37 12.79 24.46
N PRO A 13 31.35 13.21 23.65
CA PRO A 13 31.90 14.57 23.81
C PRO A 13 31.02 15.62 23.13
N GLN A 14 31.07 16.84 23.64
CA GLN A 14 30.45 17.96 22.95
C GLN A 14 31.28 18.28 21.73
N VAL A 15 30.62 18.64 20.64
CA VAL A 15 31.32 19.09 19.45
C VAL A 15 30.84 20.52 19.16
N GLY A 16 31.77 21.43 18.92
CA GLY A 16 31.44 22.84 18.77
C GLY A 16 30.76 23.40 20.01
N VAL A 17 30.02 24.49 19.82
CA VAL A 17 29.28 25.14 20.91
C VAL A 17 27.88 25.57 20.47
N GLN A 18 26.97 25.69 21.42
CA GLN A 18 25.65 26.27 21.15
C GLN A 18 25.81 27.66 20.55
N PRO A 19 24.86 28.09 19.70
CA PRO A 19 23.67 27.32 19.30
C PRO A 19 23.96 26.39 18.12
N TYR A 20 23.29 25.26 18.11
CA TYR A 20 23.38 24.33 16.98
C TYR A 20 22.27 24.65 15.99
N ARG A 21 22.66 25.00 14.77
CA ARG A 21 21.72 25.46 13.77
C ARG A 21 21.14 24.39 12.87
N GLN A 22 21.56 23.15 13.04
CA GLN A 22 21.15 22.11 12.09
C GLN A 22 20.62 20.81 12.71
N VAL A 23 19.64 20.21 12.04
CA VAL A 23 19.24 18.84 12.31
C VAL A 23 19.66 18.07 11.06
N HIS A 24 20.34 16.94 11.26
CA HIS A 24 20.88 16.20 10.13
C HIS A 24 20.08 14.94 9.85
N ALA A 25 19.71 14.76 8.58
CA ALA A 25 18.98 13.58 8.12
C ALA A 25 19.95 12.59 7.45
N HIS A 26 20.02 11.39 8.01
CA HIS A 26 20.92 10.34 7.55
C HIS A 26 20.14 9.08 7.21
N SER A 27 20.84 8.10 6.63
CA SER A 27 20.38 6.71 6.62
C SER A 27 21.62 5.86 6.89
N THR A 28 21.46 4.68 7.48
CA THR A 28 22.58 3.92 8.04
C THR A 28 23.58 3.41 7.01
N GLY A 29 23.15 3.23 5.77
CA GLY A 29 24.01 2.59 4.78
C GLY A 29 24.17 1.10 5.02
N ASN A 30 23.43 0.55 5.96
CA ASN A 30 23.49 -0.87 6.22
C ASN A 30 22.21 -1.55 5.77
N PRO A 31 22.32 -2.49 4.83
CA PRO A 31 21.14 -3.19 4.31
C PRO A 31 20.54 -4.22 5.24
N HIS A 32 21.20 -4.56 6.34
CA HIS A 32 20.73 -5.69 7.16
C HIS A 32 20.46 -5.37 8.63
N SER A 33 21.07 -4.31 9.15
CA SER A 33 20.94 -4.00 10.57
C SER A 33 19.52 -3.52 10.92
N THR A 34 19.03 -4.01 12.06
CA THR A 34 17.78 -3.53 12.65
C THR A 34 18.07 -2.31 13.51
N VAL A 35 17.02 -1.69 14.04
CA VAL A 35 17.20 -0.52 14.88
C VAL A 35 17.95 -0.90 16.15
N GLN A 36 17.66 -2.08 16.69
CA GLN A 36 18.39 -2.56 17.86
C GLN A 36 19.85 -2.86 17.52
N ASN A 37 20.11 -3.45 16.35
CA ASN A 37 21.49 -3.72 15.95
C ASN A 37 22.26 -2.40 15.97
N GLU A 38 21.67 -1.39 15.34
CA GLU A 38 22.30 -0.08 15.23
C GLU A 38 22.53 0.55 16.58
N ALA A 39 21.56 0.44 17.49
CA ALA A 39 21.69 1.01 18.82
C ALA A 39 22.78 0.30 19.61
N ASP A 40 22.81 -1.03 19.51
CA ASP A 40 23.80 -1.82 20.25
C ASP A 40 25.20 -1.51 19.73
N TYR A 41 25.34 -1.40 18.42
CA TYR A 41 26.67 -1.09 17.87
C TYR A 41 27.08 0.31 18.30
N HIS A 42 26.16 1.25 18.15
CA HIS A 42 26.42 2.64 18.52
C HIS A 42 26.84 2.71 19.98
N TRP A 43 26.21 1.88 20.81
CA TRP A 43 26.48 1.83 22.24
C TRP A 43 27.92 1.45 22.58
N ARG A 44 28.44 0.42 21.93
CA ARG A 44 29.76 -0.12 22.26
C ARG A 44 30.88 0.48 21.43
N LYS A 45 30.53 1.17 20.35
CA LYS A 45 31.53 1.57 19.37
C LYS A 45 32.45 2.67 19.85
N ASP A 46 33.52 2.87 19.09
CA ASP A 46 34.45 3.97 19.30
C ASP A 46 33.85 5.24 18.69
N PRO A 47 33.52 6.22 19.53
CA PRO A 47 32.83 7.43 19.08
C PRO A 47 33.58 8.15 17.96
N GLU A 48 34.89 8.00 17.92
CA GLU A 48 35.67 8.67 16.88
C GLU A 48 35.36 8.15 15.47
N LEU A 49 34.71 6.99 15.41
CA LEU A 49 34.27 6.44 14.12
C LEU A 49 32.98 7.13 13.64
N GLY A 50 32.41 7.98 14.49
CA GLY A 50 31.21 8.71 14.14
C GLY A 50 30.09 8.37 15.10
N PHE A 51 29.29 9.38 15.47
CA PHE A 51 28.13 9.10 16.32
C PHE A 51 26.94 9.99 15.98
N PHE A 52 25.76 9.64 16.50
CA PHE A 52 24.57 10.42 16.19
C PHE A 52 23.62 10.43 17.36
N SER A 53 22.41 10.93 17.17
CA SER A 53 21.51 11.05 18.32
C SER A 53 20.30 10.14 18.24
N HIS A 54 19.75 9.93 17.04
CA HIS A 54 18.56 9.07 16.92
C HIS A 54 18.67 8.08 15.77
N ILE A 55 18.09 6.91 15.99
CA ILE A 55 17.93 5.91 14.94
C ILE A 55 16.45 5.55 14.82
N VAL A 56 15.94 5.62 13.61
CA VAL A 56 14.55 5.28 13.37
C VAL A 56 14.48 3.97 12.62
N GLY A 57 13.78 2.97 13.16
CA GLY A 57 13.59 1.74 12.43
C GLY A 57 12.69 0.77 13.14
N ASN A 58 12.09 -0.14 12.38
CA ASN A 58 11.25 -1.19 12.94
C ASN A 58 10.11 -0.63 13.78
N GLY A 59 9.58 0.50 13.35
CA GLY A 59 8.43 1.08 14.01
C GLY A 59 8.74 1.80 15.29
N CYS A 60 10.01 2.06 15.54
CA CYS A 60 10.33 2.86 16.71
C CYS A 60 11.52 3.78 16.57
N ILE A 61 11.68 4.63 17.58
CA ILE A 61 12.77 5.59 17.57
C ILE A 61 13.59 5.31 18.79
N GLN A 63 16.74 6.80 20.82
CA GLN A 63 17.68 7.90 20.96
C GLN A 63 18.97 7.33 21.52
N VAL A 64 20.06 7.53 20.79
CA VAL A 64 21.30 6.85 21.12
C VAL A 64 22.36 7.82 21.58
N GLY A 65 22.05 9.11 21.48
CA GLY A 65 22.99 10.15 21.87
C GLY A 65 22.23 11.41 22.28
N PRO A 66 22.96 12.40 22.78
CA PRO A 66 22.28 13.61 23.25
C PRO A 66 21.92 14.52 22.09
N VAL A 67 21.01 15.45 22.33
CA VAL A 67 20.79 16.54 21.39
C VAL A 67 21.45 17.80 21.93
N ASP A 68 21.55 18.81 21.08
CA ASP A 68 22.00 20.12 21.50
C ASP A 68 23.43 20.05 22.01
N ASN A 69 24.22 19.17 21.42
CA ASN A 69 25.59 18.94 21.90
C ASN A 69 26.59 18.74 20.77
N GLY A 70 26.15 18.95 19.54
CA GLY A 70 26.98 18.66 18.39
C GLY A 70 27.14 17.15 18.23
N ALA A 71 27.82 16.74 17.18
CA ALA A 71 28.03 15.31 16.95
C ALA A 71 29.08 15.11 15.88
N TRP A 72 29.64 13.90 15.84
CA TRP A 72 30.56 13.55 14.77
C TRP A 72 29.77 12.74 13.76
N ASP A 73 28.86 13.39 13.03
CA ASP A 73 27.92 12.66 12.17
C ASP A 73 28.06 12.94 10.70
N VAL A 74 28.60 14.10 10.33
CA VAL A 74 28.69 14.44 8.89
C VAL A 74 30.11 14.60 8.32
N GLY A 75 31.12 14.22 9.10
CA GLY A 75 32.49 14.17 8.60
C GLY A 75 33.02 15.51 8.11
N GLY A 76 32.76 16.57 8.87
CA GLY A 76 33.15 17.90 8.44
C GLY A 76 32.78 18.96 9.44
N GLY A 77 32.94 20.22 9.02
CA GLY A 77 32.77 21.35 9.90
C GLY A 77 31.38 21.45 10.50
N TRP A 78 30.37 20.95 9.80
CA TRP A 78 29.02 21.10 10.33
C TRP A 78 28.68 20.05 11.37
N ASN A 79 29.64 19.17 11.68
CA ASN A 79 29.56 18.42 12.93
C ASN A 79 29.31 19.39 14.07
N ALA A 80 29.86 20.59 13.94
CA ALA A 80 29.76 21.58 15.01
C ALA A 80 28.43 22.34 14.98
N GLU A 81 27.56 21.97 14.03
CA GLU A 81 26.23 22.57 13.98
C GLU A 81 25.11 21.58 14.30
N THR A 82 25.48 20.33 14.59
CA THR A 82 24.50 19.27 14.82
C THR A 82 23.71 19.41 16.11
N TYR A 83 22.44 19.83 16.02
CA TYR A 83 21.55 19.76 17.18
C TYR A 83 21.13 18.31 17.39
N ALA A 84 20.87 17.62 16.30
CA ALA A 84 20.47 16.21 16.33
C ALA A 84 20.83 15.58 14.99
N ALA A 85 21.07 14.27 15.03
CA ALA A 85 21.42 13.56 13.82
C ALA A 85 20.58 12.30 13.81
N VAL A 86 19.67 12.21 12.85
CA VAL A 86 18.69 11.14 12.80
C VAL A 86 19.03 10.15 11.68
N GLU A 87 19.24 8.90 12.05
CA GLU A 87 19.51 7.82 11.08
C GLU A 87 18.27 6.95 10.84
N LEU A 88 18.01 6.67 9.57
CA LEU A 88 16.95 5.76 9.17
C LEU A 88 17.60 4.45 8.75
N ILE A 89 17.13 3.33 9.28
CA ILE A 89 17.68 2.02 8.87
C ILE A 89 17.40 1.77 7.40
N GLU A 90 18.20 0.90 6.77
CA GLU A 90 18.03 0.59 5.37
C GLU A 90 17.67 -0.87 5.14
N SER A 91 17.13 -1.54 6.17
CA SER A 91 16.94 -2.98 6.09
C SER A 91 15.49 -3.42 5.86
N HIS A 92 14.65 -2.50 5.40
CA HIS A 92 13.24 -2.82 5.16
C HIS A 92 13.11 -3.89 4.08
N SER A 93 12.17 -4.80 4.26
CA SER A 93 11.87 -5.82 3.26
C SER A 93 10.77 -5.35 2.34
N THR A 94 9.87 -4.52 2.85
CA THR A 94 8.74 -4.08 2.05
C THR A 94 8.53 -2.58 2.16
N LYS A 95 7.85 -2.03 1.17
CA LYS A 95 7.54 -0.61 1.15
C LYS A 95 6.72 -0.26 2.38
N GLU A 96 5.86 -1.17 2.82
CA GLU A 96 5.07 -0.92 4.02
C GLU A 96 5.94 -0.72 5.26
N GLU A 97 6.94 -1.58 5.44
CA GLU A 97 7.85 -1.41 6.57
C GLU A 97 8.61 -0.09 6.42
N PHE A 98 9.02 0.24 5.19
CA PHE A 98 9.70 1.50 4.97
C PHE A 98 8.82 2.70 5.34
N THR A 100 6.24 2.99 7.25
CA THR A 100 6.04 3.07 8.69
C THR A 100 7.18 3.87 9.34
N ASP A 101 8.41 3.56 8.95
CA ASP A 101 9.56 4.23 9.55
C ASP A 101 9.74 5.64 8.99
N TYR A 102 9.49 5.79 7.69
CA TYR A 102 9.57 7.09 7.04
C TYR A 102 8.63 8.10 7.69
N ARG A 103 7.42 7.68 8.06
CA ARG A 103 6.52 8.58 8.78
C ARG A 103 7.15 9.09 10.08
N LEU A 104 7.78 8.19 10.83
CA LEU A 104 8.37 8.56 12.13
C LEU A 104 9.53 9.50 11.90
N TYR A 105 10.32 9.20 10.87
CA TYR A 105 11.50 9.95 10.49
C TYR A 105 11.14 11.40 10.19
N ILE A 106 10.14 11.58 9.34
CA ILE A 106 9.66 12.91 8.97
C ILE A 106 9.18 13.70 10.18
N GLU A 107 8.35 13.06 11.01
CA GLU A 107 7.81 13.73 12.19
C GLU A 107 8.89 14.07 13.18
N LEU A 108 9.85 13.16 13.34
CA LEU A 108 10.95 13.37 14.27
C LEU A 108 11.83 14.51 13.79
N LEU A 109 12.19 14.50 12.52
CA LEU A 109 13.04 15.57 12.01
C LEU A 109 12.35 16.92 12.21
N ARG A 110 11.07 16.99 11.88
CA ARG A 110 10.33 18.24 12.03
C ARG A 110 10.25 18.67 13.50
N ASN A 111 9.93 17.73 14.38
CA ASN A 111 9.86 18.04 15.80
C ASN A 111 11.18 18.55 16.35
N LEU A 112 12.28 17.92 15.93
CA LEU A 112 13.59 18.31 16.43
C LEU A 112 13.97 19.71 15.93
N ALA A 113 13.60 20.02 14.70
CA ALA A 113 13.85 21.35 14.18
C ALA A 113 13.09 22.42 15.00
N ASP A 114 11.80 22.17 15.28
CA ASP A 114 11.01 23.06 16.15
C ASP A 114 11.63 23.22 17.54
N GLU A 115 12.01 22.11 18.15
CA GLU A 115 12.58 22.12 19.48
C GLU A 115 13.86 22.96 19.50
N ALA A 116 14.69 22.82 18.47
CA ALA A 116 15.93 23.56 18.36
C ALA A 116 15.77 25.03 17.93
N GLY A 117 14.53 25.47 17.70
CA GLY A 117 14.30 26.82 17.24
C GLY A 117 14.86 27.07 15.83
N LEU A 118 14.63 26.10 14.94
CA LEU A 118 15.13 26.15 13.57
C LEU A 118 14.00 26.07 12.55
N PRO A 119 14.22 26.57 11.33
CA PRO A 119 13.16 26.48 10.32
C PRO A 119 13.00 25.02 9.87
N LYS A 120 11.76 24.59 9.67
CA LYS A 120 11.49 23.28 9.09
C LYS A 120 11.62 23.35 7.57
N THR A 121 12.86 23.43 7.12
CA THR A 121 13.20 23.46 5.72
C THR A 121 14.22 22.35 5.46
N LEU A 122 14.27 21.87 4.23
CA LEU A 122 15.23 20.86 3.84
C LEU A 122 16.25 21.34 2.83
N ASP A 123 17.52 21.24 3.18
CA ASP A 123 18.63 21.51 2.27
C ASP A 123 18.52 22.86 1.54
N THR A 124 18.16 23.90 2.30
CA THR A 124 18.18 25.26 1.78
C THR A 124 19.55 25.90 1.99
N GLY A 125 19.71 27.09 1.44
CA GLY A 125 20.98 27.79 1.51
C GLY A 125 21.26 28.44 2.87
N SER A 126 20.25 28.62 3.72
CA SER A 126 20.54 29.21 5.02
C SER A 126 21.31 28.21 5.87
N LEU A 127 22.08 28.72 6.83
CA LEU A 127 22.86 27.89 7.71
C LEU A 127 21.95 26.95 8.49
N ALA A 128 20.83 27.48 8.96
CA ALA A 128 19.97 26.70 9.84
C ALA A 128 18.96 25.85 9.08
N GLY A 129 18.45 24.85 9.78
CA GLY A 129 17.39 24.01 9.25
C GLY A 129 17.78 22.54 9.20
N ILE A 130 16.96 21.74 8.53
CA ILE A 130 17.23 20.32 8.38
C ILE A 130 18.11 20.15 7.15
N LYS A 131 19.26 19.48 7.33
CA LYS A 131 20.21 19.26 6.24
C LYS A 131 20.49 17.75 6.11
N THR A 132 20.45 17.25 4.90
CA THR A 132 20.84 15.86 4.65
C THR A 132 22.34 15.75 4.72
N HIS A 133 22.83 14.52 4.89
CA HIS A 133 24.26 14.29 4.87
C HIS A 133 24.81 14.73 3.51
N GLU A 134 24.05 14.48 2.45
CA GLU A 134 24.48 14.89 1.11
C GLU A 134 24.71 16.39 1.09
N TYR A 135 23.78 17.15 1.64
CA TYR A 135 23.92 18.58 1.60
C TYR A 135 25.16 19.01 2.38
N CYS A 136 25.39 18.40 3.54
CA CYS A 136 26.58 18.70 4.32
C CYS A 136 27.85 18.35 3.55
N THR A 137 27.87 17.15 2.98
CA THR A 137 29.00 16.71 2.16
C THR A 137 29.30 17.75 1.08
N ASN A 138 28.25 18.28 0.47
CA ASN A 138 28.38 19.23 -0.63
C ASN A 138 28.69 20.67 -0.20
N ASN A 139 28.28 21.05 1.00
CA ASN A 139 28.34 22.46 1.36
C ASN A 139 29.09 22.83 2.63
N GLN A 140 29.34 21.86 3.51
CA GLN A 140 29.96 22.22 4.77
C GLN A 140 31.43 22.63 4.57
N PRO A 141 31.93 23.52 5.45
CA PRO A 141 33.34 23.92 5.45
C PRO A 141 34.19 22.80 6.04
N ASN A 142 35.46 22.72 5.62
CA ASN A 142 36.36 21.67 6.10
C ASN A 142 35.74 20.29 5.96
N ASN A 143 35.26 20.00 4.76
CA ASN A 143 34.60 18.73 4.49
C ASN A 143 35.56 17.56 4.30
N HIS A 144 35.26 16.47 4.98
CA HIS A 144 36.01 15.23 4.81
C HIS A 144 35.07 14.07 4.49
N SER A 145 33.90 14.38 3.94
CA SER A 145 32.86 13.38 3.74
C SER A 145 32.52 13.20 2.28
N ASP A 146 32.19 11.98 1.89
CA ASP A 146 31.64 11.72 0.57
C ASP A 146 30.25 11.07 0.63
N HIS A 147 29.66 10.99 1.84
CA HIS A 147 28.33 10.41 2.01
C HIS A 147 27.26 11.25 1.35
N VAL A 148 26.29 10.58 0.72
CA VAL A 148 25.14 11.27 0.11
C VAL A 148 23.78 10.78 0.61
N ASP A 149 23.74 10.08 1.74
CA ASP A 149 22.47 9.65 2.33
C ASP A 149 21.65 10.88 2.74
N PRO A 150 20.32 10.74 2.81
CA PRO A 150 19.53 9.51 2.63
C PRO A 150 18.86 9.39 1.27
N TYR A 151 19.21 10.25 0.31
CA TYR A 151 18.45 10.32 -0.96
C TYR A 151 18.38 8.99 -1.75
N PRO A 152 19.50 8.28 -1.88
CA PRO A 152 19.46 7.01 -2.61
C PRO A 152 18.53 6.02 -1.95
N TYR A 153 18.61 5.86 -0.63
CA TYR A 153 17.74 4.90 0.03
C TYR A 153 16.26 5.30 -0.03
N LEU A 154 16.00 6.60 0.04
CA LEU A 154 14.63 7.06 -0.10
C LEU A 154 14.12 6.78 -1.51
N ALA A 155 14.97 7.06 -2.51
CA ALA A 155 14.58 6.86 -3.91
C ALA A 155 14.29 5.39 -4.17
N LYS A 156 14.99 4.51 -3.47
CA LYS A 156 14.76 3.09 -3.64
C LYS A 156 13.29 2.79 -3.48
N TRP A 157 12.69 3.35 -2.44
CA TRP A 157 11.30 3.03 -2.12
C TRP A 157 10.30 4.01 -2.71
N GLY A 158 10.75 4.87 -3.62
CA GLY A 158 9.82 5.75 -4.31
C GLY A 158 9.65 7.14 -3.71
N ILE A 159 10.55 7.54 -2.82
CA ILE A 159 10.54 8.92 -2.31
C ILE A 159 11.61 9.74 -3.03
N SER A 160 11.19 10.60 -3.96
CA SER A 160 12.13 11.43 -4.71
C SER A 160 12.68 12.53 -3.83
N ARG A 161 13.74 13.20 -4.26
CA ARG A 161 14.27 14.29 -3.46
C ARG A 161 13.26 15.44 -3.32
N GLU A 162 12.40 15.60 -4.32
CA GLU A 162 11.37 16.63 -4.24
C GLU A 162 10.27 16.24 -3.25
N GLN A 163 9.95 14.95 -3.16
CA GLN A 163 8.95 14.50 -2.21
C GLN A 163 9.49 14.64 -0.78
N PHE A 164 10.73 14.22 -0.55
CA PHE A 164 11.34 14.31 0.76
C PHE A 164 11.26 15.76 1.26
N LYS A 165 11.65 16.70 0.40
CA LYS A 165 11.62 18.11 0.75
C LYS A 165 10.20 18.55 1.10
N HIS A 166 9.23 18.10 0.30
CA HIS A 166 7.85 18.48 0.55
C HIS A 166 7.34 17.92 1.87
N ASP A 167 7.66 16.67 2.16
CA ASP A 167 7.22 16.04 3.42
C ASP A 167 7.87 16.71 4.64
N ILE A 168 9.15 17.02 4.54
CA ILE A 168 9.87 17.70 5.61
C ILE A 168 9.25 19.06 5.88
N GLU A 169 8.92 19.77 4.81
CA GLU A 169 8.47 21.15 4.94
C GLU A 169 6.97 21.27 5.23
N ASN A 170 6.21 20.24 4.91
CA ASN A 170 4.77 20.32 5.12
C ASN A 170 4.22 19.34 6.12
N GLY A 171 5.04 18.36 6.47
CA GLY A 171 4.56 17.27 7.29
C GLY A 171 3.90 16.30 6.35
N LEU A 172 3.56 15.12 6.86
CA LEU A 172 3.13 14.03 6.01
C LEU A 172 1.86 13.44 6.56
N THR A 173 0.80 13.48 5.77
CA THR A 173 -0.44 12.79 6.15
C THR A 173 -0.80 11.75 5.10
N ILE A 174 -0.85 10.50 5.51
CA ILE A 174 -1.35 9.47 4.59
C ILE A 174 -2.70 8.98 5.08
N GLU A 175 -3.73 9.35 4.32
CA GLU A 175 -5.08 8.92 4.60
C GLU A 175 -5.22 7.49 4.09
N THR A 176 -5.35 6.54 5.01
CA THR A 176 -5.43 5.13 4.65
C THR A 176 -6.87 4.58 4.76
N GLY A 177 -7.05 3.36 4.29
CA GLY A 177 -8.34 2.71 4.26
C GLY A 177 -9.23 3.28 3.17
N TRP A 178 -10.53 3.04 3.31
CA TRP A 178 -11.50 3.48 2.31
C TRP A 178 -11.48 5.00 2.17
N GLN A 179 -11.43 5.48 0.93
CA GLN A 179 -11.47 6.91 0.66
C GLN A 179 -12.55 7.11 -0.37
N LYS A 180 -13.11 8.31 -0.44
CA LYS A 180 -14.19 8.55 -1.37
C LYS A 180 -14.22 9.99 -1.82
N ASN A 181 -14.55 10.19 -3.09
CA ASN A 181 -14.82 11.52 -3.60
C ASN A 181 -16.06 11.46 -4.46
N ASP A 182 -16.30 12.52 -5.24
CA ASP A 182 -17.49 12.59 -6.07
C ASP A 182 -17.53 11.49 -7.13
N THR A 183 -16.37 10.94 -7.48
CA THR A 183 -16.31 9.94 -8.54
C THR A 183 -16.51 8.50 -8.02
N GLY A 184 -15.87 8.17 -6.90
CA GLY A 184 -16.06 6.84 -6.35
C GLY A 184 -15.18 6.55 -5.15
N TYR A 185 -15.13 5.29 -4.77
CA TYR A 185 -14.28 4.84 -3.66
C TYR A 185 -12.92 4.38 -4.15
N TRP A 186 -11.89 4.53 -3.32
CA TRP A 186 -10.65 3.79 -3.54
C TRP A 186 -10.16 3.31 -2.19
N TYR A 187 -9.22 2.39 -2.17
CA TYR A 187 -8.78 1.81 -0.90
C TYR A 187 -7.27 1.94 -0.75
N VAL A 188 -6.85 2.69 0.27
CA VAL A 188 -5.44 3.00 0.43
C VAL A 188 -4.81 2.09 1.46
N HIS A 189 -3.75 1.40 1.05
CA HIS A 189 -3.01 0.51 1.95
C HIS A 189 -2.13 1.31 2.86
N SER A 190 -1.63 0.66 3.90
CA SER A 190 -0.78 1.30 4.88
C SER A 190 0.33 2.13 4.24
N ASP A 191 0.85 1.67 3.11
CA ASP A 191 2.02 2.33 2.51
C ASP A 191 1.67 3.42 1.51
N GLY A 192 0.38 3.71 1.37
CA GLY A 192 -0.06 4.76 0.45
C GLY A 192 -0.45 4.26 -0.95
N SER A 193 -0.06 3.04 -1.28
CA SER A 193 -0.52 2.41 -2.53
C SER A 193 -2.01 2.02 -2.46
N TYR A 194 -2.64 1.94 -3.64
CA TYR A 194 -4.01 1.41 -3.75
C TYR A 194 -4.19 0.52 -4.99
N PRO A 195 -5.11 -0.46 -4.89
CA PRO A 195 -5.31 -1.40 -6.01
C PRO A 195 -5.83 -0.70 -7.25
N LYS A 196 -5.28 -1.10 -8.41
CA LYS A 196 -5.70 -0.60 -9.70
C LYS A 196 -5.81 -1.75 -10.70
N ASP A 197 -6.92 -1.81 -11.43
CA ASP A 197 -7.16 -2.89 -12.39
C ASP A 197 -6.96 -4.27 -11.77
N LYS A 198 -7.54 -4.51 -10.61
CA LYS A 198 -7.33 -5.78 -9.96
C LYS A 198 -8.39 -6.01 -8.90
N PHE A 199 -8.50 -7.26 -8.47
CA PHE A 199 -9.28 -7.63 -7.30
C PHE A 199 -8.51 -7.32 -6.04
N GLU A 200 -9.22 -6.96 -4.99
CA GLU A 200 -8.62 -6.83 -3.69
C GLU A 200 -9.65 -7.25 -2.68
N LYS A 201 -9.23 -8.09 -1.74
CA LYS A 201 -10.09 -8.55 -0.67
C LYS A 201 -9.86 -7.63 0.53
N ILE A 202 -10.96 -7.04 1.01
CA ILE A 202 -10.89 -6.05 2.05
C ILE A 202 -11.90 -6.41 3.13
N ASN A 203 -11.40 -6.69 4.32
CA ASN A 203 -12.27 -7.04 5.44
C ASN A 203 -13.17 -8.23 5.11
N GLY A 204 -12.63 -9.21 4.39
CA GLY A 204 -13.34 -10.43 4.12
C GLY A 204 -14.20 -10.41 2.87
N THR A 205 -14.14 -9.33 2.11
CA THR A 205 -15.00 -9.16 0.95
C THR A 205 -14.20 -8.76 -0.28
N TRP A 206 -14.52 -9.38 -1.41
CA TRP A 206 -13.82 -9.10 -2.66
C TRP A 206 -14.42 -7.91 -3.41
N TYR A 207 -13.56 -7.03 -3.91
CA TYR A 207 -13.95 -5.90 -4.74
C TYR A 207 -13.02 -5.85 -5.89
N TYR A 208 -13.39 -5.09 -6.91
CA TYR A 208 -12.52 -4.86 -8.06
C TYR A 208 -12.35 -3.36 -8.21
N PHE A 209 -11.14 -2.95 -8.61
CA PHE A 209 -10.83 -1.54 -8.73
C PHE A 209 -10.31 -1.25 -10.11
N ASP A 210 -10.77 -0.15 -10.70
CA ASP A 210 -10.42 0.11 -12.09
C ASP A 210 -9.01 0.71 -12.19
N SER A 211 -8.61 1.10 -13.39
CA SER A 211 -7.21 1.46 -13.63
C SER A 211 -6.80 2.75 -12.93
N SER A 212 -7.80 3.54 -12.52
CA SER A 212 -7.53 4.75 -11.74
C SER A 212 -7.64 4.48 -10.25
N GLY A 213 -8.04 3.26 -9.88
CA GLY A 213 -8.19 2.90 -8.49
C GLY A 213 -9.62 3.01 -7.99
N TYR A 214 -10.55 3.38 -8.85
CA TYR A 214 -11.96 3.47 -8.44
C TYR A 214 -12.66 2.11 -8.36
N LEU A 216 -15.36 -0.68 -8.58
CA LEU A 216 -16.43 -0.96 -9.52
C LEU A 216 -17.72 -1.25 -8.77
N ALA A 217 -18.82 -0.63 -9.20
CA ALA A 217 -20.10 -0.79 -8.50
C ALA A 217 -21.21 -0.86 -9.52
N ASP A 218 -22.03 -1.90 -9.43
CA ASP A 218 -23.12 -2.10 -10.37
C ASP A 218 -22.53 -2.25 -11.78
N ARG A 219 -21.58 -3.17 -11.90
CA ARG A 219 -20.82 -3.33 -13.14
C ARG A 219 -20.32 -4.74 -13.35
N TRP A 220 -20.28 -5.15 -14.62
CA TRP A 220 -19.67 -6.41 -15.04
C TRP A 220 -18.19 -6.20 -15.31
N ARG A 221 -17.43 -7.27 -15.22
CA ARG A 221 -16.02 -7.26 -15.58
CA ARG A 221 -16.03 -7.26 -15.62
C ARG A 221 -15.56 -8.64 -16.04
N LYS A 222 -15.03 -8.73 -17.26
CA LYS A 222 -14.38 -9.97 -17.68
C LYS A 222 -12.94 -9.95 -17.20
N HIS A 223 -12.60 -10.90 -16.34
CA HIS A 223 -11.31 -10.95 -15.68
C HIS A 223 -10.26 -11.56 -16.62
N THR A 224 -9.04 -11.72 -16.11
CA THR A 224 -7.94 -12.26 -16.91
C THR A 224 -8.08 -13.77 -17.00
N ASP A 225 -8.84 -14.35 -16.08
CA ASP A 225 -9.04 -15.80 -16.09
C ASP A 225 -10.08 -16.22 -17.13
N GLY A 226 -10.51 -15.27 -17.96
CA GLY A 226 -11.54 -15.52 -18.95
C GLY A 226 -12.97 -15.59 -18.40
N ASN A 227 -13.13 -15.37 -17.09
CA ASN A 227 -14.45 -15.41 -16.46
C ASN A 227 -15.12 -14.03 -16.33
N TRP A 228 -16.46 -14.03 -16.24
CA TRP A 228 -17.20 -12.80 -15.98
C TRP A 228 -17.50 -12.68 -14.50
N TYR A 229 -17.37 -11.46 -13.99
CA TYR A 229 -17.67 -11.17 -12.59
C TYR A 229 -18.65 -10.00 -12.54
N TRP A 230 -19.47 -9.94 -11.51
CA TRP A 230 -20.35 -8.80 -11.34
C TRP A 230 -20.22 -8.21 -9.95
N PHE A 231 -20.28 -6.88 -9.88
CA PHE A 231 -20.15 -6.16 -8.62
C PHE A 231 -21.41 -5.32 -8.38
N ASP A 232 -22.00 -5.46 -7.20
CA ASP A 232 -23.28 -4.80 -6.93
C ASP A 232 -23.07 -3.35 -6.49
N ASN A 233 -24.13 -2.70 -6.02
CA ASN A 233 -24.08 -1.26 -5.71
C ASN A 233 -23.07 -0.90 -4.64
N SER A 234 -22.75 -1.85 -3.77
CA SER A 234 -21.80 -1.62 -2.70
C SER A 234 -20.38 -2.03 -3.13
N GLY A 235 -20.28 -2.55 -4.34
CA GLY A 235 -19.01 -3.00 -4.90
C GLY A 235 -18.69 -4.46 -4.66
N GLU A 236 -19.48 -5.11 -3.80
CA GLU A 236 -19.21 -6.50 -3.44
C GLU A 236 -19.31 -7.43 -4.66
N ALA A 238 -20.25 -10.49 -6.76
CA ALA A 238 -21.44 -11.33 -6.71
C ALA A 238 -21.07 -12.79 -6.53
N THR A 239 -21.77 -13.48 -5.63
CA THR A 239 -21.79 -14.93 -5.60
C THR A 239 -23.24 -15.40 -5.50
N GLY A 240 -23.50 -16.63 -5.96
CA GLY A 240 -24.85 -17.16 -5.93
C GLY A 240 -25.69 -16.58 -7.04
N TRP A 241 -27.02 -16.67 -6.91
CA TRP A 241 -27.91 -16.17 -7.94
C TRP A 241 -28.07 -14.67 -7.81
N LYS A 242 -28.07 -13.97 -8.93
CA LYS A 242 -28.32 -12.53 -8.95
C LYS A 242 -29.21 -12.21 -10.12
N LYS A 243 -30.21 -11.38 -9.90
CA LYS A 243 -30.98 -10.85 -11.00
C LYS A 243 -30.39 -9.49 -11.40
N ILE A 244 -29.82 -9.43 -12.60
CA ILE A 244 -29.14 -8.24 -13.05
C ILE A 244 -29.81 -7.75 -14.34
N ALA A 245 -30.34 -6.53 -14.29
CA ALA A 245 -31.12 -5.99 -15.41
C ALA A 245 -32.22 -6.94 -15.87
N ASP A 246 -33.00 -7.45 -14.91
CA ASP A 246 -34.16 -8.31 -15.20
C ASP A 246 -33.83 -9.71 -15.72
N LYS A 247 -32.58 -10.13 -15.60
CA LYS A 247 -32.21 -11.49 -16.00
C LYS A 247 -31.46 -12.18 -14.88
N TRP A 248 -31.60 -13.51 -14.79
CA TRP A 248 -30.96 -14.27 -13.73
C TRP A 248 -29.64 -14.84 -14.19
N TYR A 249 -28.62 -14.65 -13.36
CA TYR A 249 -27.30 -15.24 -13.55
C TYR A 249 -26.92 -16.01 -12.30
N TYR A 250 -26.01 -16.96 -12.45
CA TYR A 250 -25.48 -17.66 -11.28
C TYR A 250 -23.96 -17.53 -11.25
N PHE A 251 -23.44 -17.19 -10.08
CA PHE A 251 -22.02 -17.06 -9.83
C PHE A 251 -21.60 -18.10 -8.80
N ASN A 252 -20.47 -18.76 -9.02
CA ASN A 252 -19.97 -19.72 -8.05
C ASN A 252 -19.40 -19.02 -6.82
N GLU A 253 -18.92 -19.80 -5.87
CA GLU A 253 -18.43 -19.26 -4.62
C GLU A 253 -17.20 -18.36 -4.75
N GLU A 254 -16.55 -18.41 -5.91
CA GLU A 254 -15.36 -17.60 -6.19
C GLU A 254 -15.70 -16.47 -7.15
N GLY A 255 -17.00 -16.28 -7.38
CA GLY A 255 -17.48 -15.12 -8.11
C GLY A 255 -17.59 -15.28 -9.61
N ALA A 256 -17.06 -16.38 -10.13
CA ALA A 256 -17.08 -16.60 -11.57
C ALA A 256 -18.49 -16.90 -12.05
N LYS A 258 -21.20 -18.66 -13.87
CA LYS A 258 -21.30 -20.02 -14.38
C LYS A 258 -22.22 -20.08 -15.62
N THR A 259 -21.95 -21.03 -16.50
CA THR A 259 -22.87 -21.34 -17.60
C THR A 259 -23.19 -22.83 -17.54
N GLY A 260 -24.21 -23.25 -18.26
CA GLY A 260 -24.63 -24.65 -18.21
C GLY A 260 -25.64 -24.97 -17.11
N TRP A 261 -25.67 -26.23 -16.71
CA TRP A 261 -26.67 -26.69 -15.76
C TRP A 261 -26.28 -26.36 -14.33
N VAL A 262 -27.22 -25.81 -13.58
CA VAL A 262 -27.00 -25.50 -12.17
C VAL A 262 -28.18 -26.01 -11.36
N LYS A 263 -27.91 -26.78 -10.32
CA LYS A 263 -28.97 -27.27 -9.45
C LYS A 263 -29.42 -26.22 -8.42
N TYR A 264 -30.72 -26.12 -8.21
CA TYR A 264 -31.27 -25.19 -7.24
C TYR A 264 -32.42 -25.86 -6.51
N LYS A 265 -32.22 -26.12 -5.22
CA LYS A 265 -33.21 -26.83 -4.41
C LYS A 265 -33.68 -28.13 -5.07
N ASP A 266 -34.97 -28.21 -5.37
CA ASP A 266 -35.54 -29.41 -6.00
C ASP A 266 -35.44 -29.42 -7.52
N THR A 267 -34.71 -28.47 -8.10
CA THR A 267 -34.75 -28.36 -9.54
C THR A 267 -33.44 -28.03 -10.23
N TRP A 268 -33.49 -27.95 -11.55
CA TRP A 268 -32.32 -27.63 -12.35
C TRP A 268 -32.63 -26.43 -13.21
N TYR A 269 -31.66 -25.55 -13.36
CA TYR A 269 -31.79 -24.43 -14.27
C TYR A 269 -30.67 -24.53 -15.29
N TYR A 270 -30.82 -23.82 -16.40
CA TYR A 270 -29.76 -23.84 -17.42
C TYR A 270 -29.44 -22.41 -17.79
N LEU A 271 -28.15 -22.10 -17.77
CA LEU A 271 -27.69 -20.75 -18.01
C LEU A 271 -27.01 -20.70 -19.36
N ASP A 272 -27.46 -19.78 -20.20
CA ASP A 272 -27.00 -19.71 -21.60
C ASP A 272 -25.48 -19.67 -21.66
N ALA A 273 -24.89 -20.55 -22.47
CA ALA A 273 -23.44 -20.65 -22.60
C ALA A 273 -22.79 -19.40 -23.21
N LYS A 274 -23.58 -18.60 -23.92
CA LYS A 274 -23.03 -17.46 -24.64
C LYS A 274 -23.10 -16.16 -23.86
N GLU A 275 -24.23 -15.91 -23.20
CA GLU A 275 -24.42 -14.64 -22.50
C GLU A 275 -24.67 -14.82 -21.01
N GLY A 276 -24.85 -16.07 -20.58
CA GLY A 276 -24.93 -16.38 -19.16
C GLY A 276 -26.31 -16.40 -18.52
N ALA A 277 -27.30 -15.76 -19.13
CA ALA A 277 -28.60 -15.62 -18.48
C ALA A 277 -29.37 -16.91 -18.45
N VAL A 279 -32.00 -19.63 -19.10
CA VAL A 279 -32.80 -19.94 -20.27
C VAL A 279 -34.17 -20.46 -19.85
N SER A 280 -35.20 -20.15 -20.65
CA SER A 280 -36.56 -20.61 -20.36
C SER A 280 -37.33 -20.96 -21.65
N ASN A 281 -38.30 -21.86 -21.51
CA ASN A 281 -39.12 -22.28 -22.65
C ASN A 281 -38.25 -22.67 -23.83
N ALA A 282 -37.43 -23.71 -23.65
CA ALA A 282 -36.43 -24.06 -24.64
C ALA A 282 -35.99 -25.49 -24.48
N PHE A 283 -35.48 -26.07 -25.56
CA PHE A 283 -34.90 -27.41 -25.55
C PHE A 283 -33.40 -27.28 -25.55
N ILE A 284 -32.75 -28.02 -24.66
CA ILE A 284 -31.30 -27.99 -24.56
C ILE A 284 -30.81 -29.39 -24.85
N GLN A 285 -29.90 -29.54 -25.82
CA GLN A 285 -29.41 -30.85 -26.18
C GLN A 285 -28.63 -31.51 -25.03
N SER A 286 -28.85 -32.80 -24.83
CA SER A 286 -28.10 -33.53 -23.81
C SER A 286 -26.62 -33.57 -24.17
N ALA A 287 -25.79 -33.79 -23.17
CA ALA A 287 -24.34 -33.74 -23.35
C ALA A 287 -23.84 -34.81 -24.31
N ASP A 288 -24.47 -35.97 -24.29
CA ASP A 288 -24.08 -37.03 -25.24
C ASP A 288 -24.80 -36.88 -26.59
N GLY A 289 -25.64 -35.86 -26.71
CA GLY A 289 -26.26 -35.52 -27.98
C GLY A 289 -27.30 -36.53 -28.37
N THR A 290 -27.62 -37.40 -27.41
CA THR A 290 -28.68 -38.39 -27.53
C THR A 290 -30.08 -37.80 -27.63
N GLY A 291 -30.32 -36.75 -26.84
CA GLY A 291 -31.65 -36.24 -26.61
C GLY A 291 -31.66 -34.82 -26.11
N TRP A 292 -32.76 -34.43 -25.48
CA TRP A 292 -33.02 -33.05 -25.12
C TRP A 292 -33.62 -32.92 -23.72
N TYR A 293 -33.32 -31.80 -23.06
CA TYR A 293 -34.06 -31.44 -21.87
C TYR A 293 -34.88 -30.20 -22.14
N TYR A 294 -36.11 -30.21 -21.66
CA TYR A 294 -36.95 -29.04 -21.81
C TYR A 294 -36.99 -28.17 -20.53
N LEU A 295 -36.84 -26.87 -20.72
CA LEU A 295 -36.93 -25.89 -19.67
C LEU A 295 -38.26 -25.17 -19.81
N LYS A 296 -39.05 -25.18 -18.73
CA LYS A 296 -40.36 -24.53 -18.70
C LYS A 296 -40.24 -23.03 -18.79
N PRO A 297 -41.35 -22.34 -19.05
CA PRO A 297 -41.35 -20.89 -19.15
C PRO A 297 -40.75 -20.23 -17.92
N ASP A 298 -40.85 -20.88 -16.76
CA ASP A 298 -40.32 -20.28 -15.53
C ASP A 298 -38.84 -20.61 -15.34
N GLY A 299 -38.28 -21.42 -16.25
CA GLY A 299 -36.87 -21.71 -16.27
C GLY A 299 -36.53 -23.05 -15.69
N THR A 300 -37.49 -23.66 -15.00
CA THR A 300 -37.23 -24.93 -14.33
C THR A 300 -37.21 -26.09 -15.30
N LEU A 301 -36.31 -27.04 -15.06
CA LEU A 301 -36.24 -28.22 -15.86
C LEU A 301 -37.55 -28.99 -15.78
N ALA A 302 -38.06 -29.41 -16.95
CA ALA A 302 -39.26 -30.27 -17.00
C ALA A 302 -38.88 -31.72 -16.76
N ASP A 303 -39.29 -32.19 -15.59
CA ASP A 303 -39.02 -33.53 -15.11
C ASP A 303 -39.82 -34.54 -15.93
N LYS A 304 -41.08 -34.18 -16.17
CA LYS A 304 -42.01 -35.03 -16.91
C LYS A 304 -42.69 -34.18 -17.96
N PRO A 305 -41.95 -33.82 -19.03
CA PRO A 305 -42.58 -33.00 -20.08
C PRO A 305 -43.61 -33.85 -20.82
N GLU A 306 -44.76 -33.26 -21.10
CA GLU A 306 -45.76 -33.96 -21.91
C GLU A 306 -45.99 -33.24 -23.24
N PHE A 307 -46.05 -34.03 -24.32
CA PHE A 307 -46.13 -33.51 -25.69
C PHE A 307 -47.44 -33.83 -26.39
N THR A 308 -48.00 -32.84 -27.09
CA THR A 308 -49.04 -33.13 -28.07
C THR A 308 -48.60 -32.67 -29.46
N VAL A 309 -48.86 -33.49 -30.47
CA VAL A 309 -48.42 -33.23 -31.84
C VAL A 309 -49.61 -33.00 -32.75
N GLU A 310 -49.68 -31.79 -33.30
CA GLU A 310 -50.68 -31.44 -34.27
C GLU A 310 -50.28 -32.10 -35.57
N PRO A 311 -51.17 -32.07 -36.56
CA PRO A 311 -50.90 -32.72 -37.83
C PRO A 311 -49.69 -32.09 -38.46
N ASP A 312 -49.43 -30.83 -38.10
CA ASP A 312 -48.44 -30.02 -38.79
C ASP A 312 -47.13 -30.77 -39.07
N GLY A 313 -46.63 -31.53 -38.10
CA GLY A 313 -47.13 -31.56 -36.74
C GLY A 313 -46.41 -30.62 -35.80
N LEU A 314 -47.11 -29.55 -35.40
CA LEU A 314 -46.57 -28.61 -34.43
C LEU A 314 -46.58 -29.23 -33.05
N ILE A 315 -45.45 -29.15 -32.35
CA ILE A 315 -45.34 -29.74 -31.04
C ILE A 315 -45.66 -28.71 -29.98
N THR A 316 -46.57 -29.07 -29.08
CA THR A 316 -46.79 -28.26 -27.89
C THR A 316 -46.32 -29.08 -26.70
N VAL A 317 -45.64 -28.42 -25.78
CA VAL A 317 -45.02 -29.13 -24.68
C VAL A 317 -45.54 -28.56 -23.38
N LYS A 318 -45.62 -29.41 -22.36
CA LYS A 318 -46.20 -29.03 -21.07
C LYS A 318 -45.49 -29.76 -19.92
#